data_6ZCP
#
_entry.id   6ZCP
#
_cell.length_a   39.930
_cell.length_b   85.620
_cell.length_c   89.830
_cell.angle_alpha   90.000
_cell.angle_beta   90.000
_cell.angle_gamma   90.000
#
_symmetry.space_group_name_H-M   'P 21 21 21'
#
loop_
_entity.id
_entity.type
_entity.pdbx_description
1 polymer 'Tyrosine-protein kinase SYK'
2 non-polymer 7-[[4-[4-[(dimethylamino)methyl]pyrazol-1-yl]pyrimidin-2-yl]amino]-~{N},3-dimethyl-imidazo[1,5-a]pyridine-1-carboxamide
3 water water
#
_entity_poly.entity_id   1
_entity_poly.type   'polypeptide(L)'
_entity_poly.pdbx_seq_one_letter_code
;MDTEVYESPYADPEEIRPKEVYLDRKLLTLEDKELGSGNFGTVKKGYYQMKKVVKTVAVKILKNEANDPALKDELLAEAN
VMQQLDNPYIVRMIGICEAESWMLVMEMAELGPLNKYLQQNRHVKDKNIIELVHQVSMGMKYLEESNFVHRDLAARNVLL
VTQHYAKISDFGLSKALRADENYYKAQTHGKWPVKWYAPECINYYKFSSKSDVWSFGVLMWEAFSYGQKPYRGMKGSEVT
AMLEKGERMGCPAGCPREMYDLMNLCWTYDVENRPGFAAVELRLRNYYYDVVNHHHHHH
;
_entity_poly.pdbx_strand_id   A
#
loop_
_chem_comp.id
_chem_comp.type
_chem_comp.name
_chem_comp.formula
QFK non-polymer 7-[[4-[4-[(dimethylamino)methyl]pyrazol-1-yl]pyrimidin-2-yl]amino]-~{N},3-dimethyl-imidazo[1,5-a]pyridine-1-carboxamide 'C20 H23 N9 O'
#
# COMPACT_ATOMS: atom_id res chain seq x y z
N VAL A 21 13.09 5.45 -19.44
CA VAL A 21 12.70 6.26 -18.28
C VAL A 21 11.91 7.51 -18.74
N TYR A 22 12.50 8.32 -19.64
CA TYR A 22 11.87 9.55 -20.14
C TYR A 22 11.01 9.28 -21.36
N LEU A 23 9.72 9.67 -21.25
CA LEU A 23 8.71 9.46 -22.28
C LEU A 23 8.50 10.70 -23.15
N ASP A 24 8.08 10.46 -24.42
CA ASP A 24 7.75 11.48 -25.42
C ASP A 24 6.34 12.01 -25.11
N ARG A 25 6.22 13.33 -24.79
CA ARG A 25 4.94 14.00 -24.49
C ARG A 25 3.93 13.91 -25.64
N LYS A 26 4.42 13.96 -26.90
CA LYS A 26 3.57 13.84 -28.09
C LYS A 26 2.95 12.43 -28.22
N LEU A 27 3.57 11.40 -27.60
CA LEU A 27 3.03 10.02 -27.57
C LEU A 27 1.97 9.87 -26.47
N LEU A 28 1.89 10.86 -25.56
CA LEU A 28 0.94 10.88 -24.46
C LEU A 28 -0.32 11.73 -24.72
N THR A 29 -1.48 11.12 -24.52
CA THR A 29 -2.79 11.76 -24.63
C THR A 29 -3.41 11.77 -23.23
N LEU A 30 -3.72 12.97 -22.69
CA LEU A 30 -4.33 13.13 -21.38
C LEU A 30 -5.81 13.47 -21.45
N GLU A 31 -6.62 12.86 -20.57
CA GLU A 31 -8.05 13.11 -20.47
C GLU A 31 -8.29 14.37 -19.62
N ASP A 32 -9.25 15.21 -20.06
CA ASP A 32 -9.64 16.47 -19.41
C ASP A 32 -10.11 16.28 -17.96
N LYS A 33 -11.06 15.35 -17.72
CA LYS A 33 -11.60 15.07 -16.38
C LYS A 33 -10.60 14.29 -15.52
N GLU A 34 -10.33 14.82 -14.30
CA GLU A 34 -9.44 14.20 -13.32
C GLU A 34 -10.05 12.92 -12.78
N LEU A 35 -9.31 11.82 -12.92
CA LEU A 35 -9.66 10.46 -12.48
C LEU A 35 -9.69 10.38 -10.95
N GLY A 36 -8.72 11.04 -10.31
CA GLY A 36 -8.54 11.11 -8.87
C GLY A 36 -7.78 12.35 -8.46
N SER A 37 -7.81 12.67 -7.15
CA SER A 37 -7.15 13.85 -6.57
C SER A 37 -6.94 13.65 -5.07
N GLY A 38 -6.04 14.44 -4.48
CA GLY A 38 -5.73 14.38 -3.05
C GLY A 38 -4.70 15.39 -2.62
N ASN A 39 -4.13 15.23 -1.39
CA ASN A 39 -3.11 16.13 -0.87
C ASN A 39 -1.76 15.92 -1.60
N PHE A 40 -1.59 14.71 -2.20
CA PHE A 40 -0.44 14.31 -3.02
C PHE A 40 -0.42 15.09 -4.34
N GLY A 41 -1.61 15.44 -4.82
CA GLY A 41 -1.83 16.13 -6.09
C GLY A 41 -3.02 15.55 -6.83
N THR A 42 -2.82 15.20 -8.10
CA THR A 42 -3.89 14.68 -8.95
C THR A 42 -3.47 13.45 -9.79
N VAL A 43 -4.44 12.61 -10.13
CA VAL A 43 -4.29 11.42 -10.99
C VAL A 43 -5.17 11.60 -12.22
N LYS A 44 -4.59 11.53 -13.43
CA LYS A 44 -5.36 11.64 -14.67
C LYS A 44 -5.25 10.39 -15.53
N LYS A 45 -6.33 10.05 -16.25
CA LYS A 45 -6.34 8.91 -17.16
C LYS A 45 -5.70 9.37 -18.48
N GLY A 46 -4.90 8.49 -19.07
CA GLY A 46 -4.24 8.79 -20.32
C GLY A 46 -3.98 7.62 -21.25
N TYR A 47 -3.36 7.93 -22.40
CA TYR A 47 -3.01 6.94 -23.43
C TYR A 47 -1.59 7.17 -23.88
N TYR A 48 -0.78 6.10 -23.87
CA TYR A 48 0.59 6.16 -24.35
C TYR A 48 0.77 5.21 -25.54
N GLN A 49 1.09 5.79 -26.71
CA GLN A 49 1.33 5.08 -27.97
C GLN A 49 2.65 4.30 -27.86
N MET A 50 2.56 2.98 -27.62
CA MET A 50 3.74 2.12 -27.46
C MET A 50 3.97 1.29 -28.72
N LYS A 52 3.21 -0.97 -30.98
CA LYS A 52 2.19 -1.19 -32.01
C LYS A 52 0.79 -0.86 -31.46
N VAL A 53 0.58 -1.15 -30.17
CA VAL A 53 -0.66 -0.93 -29.41
C VAL A 53 -0.62 0.37 -28.60
N VAL A 54 -1.79 0.86 -28.17
CA VAL A 54 -1.91 2.00 -27.27
C VAL A 54 -2.07 1.47 -25.83
N LYS A 55 -1.49 2.17 -24.85
CA LYS A 55 -1.57 1.75 -23.45
C LYS A 55 -2.32 2.74 -22.58
N THR A 56 -3.39 2.27 -21.92
CA THR A 56 -4.18 3.05 -20.95
C THR A 56 -3.27 3.23 -19.74
N VAL A 57 -3.07 4.49 -19.35
CA VAL A 57 -2.15 4.83 -18.28
C VAL A 57 -2.80 5.70 -17.20
N ALA A 58 -2.24 5.62 -16.01
CA ALA A 58 -2.63 6.46 -14.90
C ALA A 58 -1.46 7.41 -14.68
N VAL A 59 -1.72 8.70 -14.75
CA VAL A 59 -0.66 9.69 -14.64
C VAL A 59 -0.79 10.47 -13.34
N LYS A 60 0.28 10.47 -12.51
CA LYS A 60 0.34 11.23 -11.27
C LYS A 60 1.00 12.58 -11.58
N ILE A 61 0.34 13.67 -11.19
CA ILE A 61 0.84 15.05 -11.40
C ILE A 61 1.19 15.73 -10.04
N LEU A 62 2.26 16.57 -10.03
CA LEU A 62 2.76 17.30 -8.86
C LEU A 62 1.72 18.24 -8.25
N LEU A 71 8.66 19.78 -4.74
CA LEU A 71 7.86 18.61 -5.13
C LEU A 71 8.56 17.74 -6.18
N LYS A 72 9.29 18.38 -7.13
CA LYS A 72 10.02 17.75 -8.25
C LYS A 72 11.01 16.67 -7.79
N ASP A 73 11.70 16.93 -6.65
CA ASP A 73 12.67 16.02 -6.02
C ASP A 73 11.97 14.77 -5.48
N GLU A 74 10.75 14.94 -4.91
CA GLU A 74 9.92 13.88 -4.33
C GLU A 74 9.27 13.00 -5.40
N LEU A 75 8.96 13.58 -6.58
CA LEU A 75 8.38 12.88 -7.73
C LEU A 75 9.44 12.03 -8.43
N LEU A 76 10.66 12.61 -8.63
CA LEU A 76 11.79 11.94 -9.27
C LEU A 76 12.29 10.78 -8.39
N ALA A 77 12.28 11.00 -7.04
CA ALA A 77 12.66 10.01 -6.01
C ALA A 77 11.71 8.79 -6.03
N GLU A 78 10.39 9.04 -6.16
CA GLU A 78 9.36 8.02 -6.26
C GLU A 78 9.58 7.16 -7.54
N ALA A 79 9.85 7.84 -8.67
CA ALA A 79 10.11 7.24 -9.99
C ALA A 79 11.37 6.36 -9.95
N ASN A 80 12.40 6.84 -9.25
CA ASN A 80 13.65 6.12 -9.04
C ASN A 80 13.44 4.80 -8.26
N VAL A 81 12.52 4.81 -7.26
CA VAL A 81 12.15 3.63 -6.46
C VAL A 81 11.39 2.65 -7.37
N MET A 82 10.33 3.13 -8.05
CA MET A 82 9.44 2.36 -8.93
C MET A 82 10.14 1.69 -10.09
N GLN A 83 11.18 2.35 -10.66
CA GLN A 83 12.02 1.88 -11.76
C GLN A 83 12.76 0.61 -11.39
N GLN A 84 13.16 0.49 -10.11
CA GLN A 84 13.88 -0.67 -9.59
C GLN A 84 12.96 -1.85 -9.26
N LEU A 85 11.64 -1.60 -9.14
CA LEU A 85 10.69 -2.65 -8.76
C LEU A 85 10.08 -3.39 -9.94
N ASP A 86 10.00 -4.73 -9.82
CA ASP A 86 9.47 -5.66 -10.82
C ASP A 86 8.73 -6.83 -10.12
N ASN A 87 7.41 -6.70 -10.01
CA ASN A 87 6.55 -7.67 -9.35
C ASN A 87 5.12 -7.55 -9.88
N PRO A 88 4.34 -8.66 -9.99
CA PRO A 88 2.94 -8.55 -10.43
C PRO A 88 2.02 -7.75 -9.49
N TYR A 89 2.38 -7.65 -8.19
CA TYR A 89 1.54 -6.99 -7.20
C TYR A 89 2.03 -5.61 -6.85
N ILE A 90 2.85 -5.03 -7.78
CA ILE A 90 3.35 -3.66 -7.65
C ILE A 90 2.99 -2.88 -8.92
N VAL A 91 2.40 -1.69 -8.78
CA VAL A 91 2.06 -0.85 -9.96
C VAL A 91 3.36 -0.58 -10.73
N ARG A 92 3.32 -0.84 -12.06
CA ARG A 92 4.44 -0.65 -12.96
C ARG A 92 4.52 0.79 -13.49
N MET A 93 5.72 1.33 -13.51
CA MET A 93 5.97 2.67 -14.00
C MET A 93 6.34 2.58 -15.48
N ILE A 94 5.59 3.26 -16.37
CA ILE A 94 5.94 3.30 -17.81
C ILE A 94 7.16 4.21 -17.90
N GLY A 95 7.07 5.36 -17.27
CA GLY A 95 8.16 6.30 -17.21
C GLY A 95 7.77 7.62 -16.61
N ILE A 96 8.56 8.64 -16.92
CA ILE A 96 8.33 10.01 -16.48
C ILE A 96 8.33 10.96 -17.65
N CYS A 97 7.53 12.03 -17.52
CA CYS A 97 7.43 13.04 -18.56
C CYS A 97 7.49 14.46 -17.98
N GLU A 98 8.30 15.33 -18.59
CA GLU A 98 8.43 16.71 -18.14
C GLU A 98 7.81 17.68 -19.17
N ALA A 99 6.59 18.14 -18.87
CA ALA A 99 5.86 19.10 -19.71
C ALA A 99 5.45 20.29 -18.83
N GLU A 100 4.16 20.69 -18.86
CA GLU A 100 3.56 21.77 -18.07
C GLU A 100 3.86 21.61 -16.58
N SER A 101 3.82 20.34 -16.11
CA SER A 101 4.11 19.87 -14.76
C SER A 101 4.86 18.52 -14.89
N TRP A 102 5.52 18.04 -13.81
CA TRP A 102 6.20 16.74 -13.83
C TRP A 102 5.14 15.65 -13.77
N MET A 103 5.31 14.58 -14.57
CA MET A 103 4.33 13.49 -14.66
C MET A 103 4.94 12.14 -14.40
N LEU A 104 4.27 11.32 -13.56
CA LEU A 104 4.65 9.95 -13.25
C LEU A 104 3.64 9.11 -14.03
N VAL A 105 4.11 8.41 -15.06
CA VAL A 105 3.23 7.61 -15.92
C VAL A 105 3.26 6.15 -15.49
N MET A 106 2.08 5.61 -15.16
CA MET A 106 1.95 4.25 -14.66
C MET A 106 1.00 3.40 -15.48
N GLU A 107 1.11 2.07 -15.34
CA GLU A 107 0.17 1.13 -15.96
C GLU A 107 -1.15 1.33 -15.20
N MET A 108 -2.27 1.45 -15.93
CA MET A 108 -3.58 1.68 -15.33
C MET A 108 -4.19 0.47 -14.56
N ALA A 109 -4.68 0.72 -13.33
CA ALA A 109 -5.45 -0.22 -12.51
C ALA A 109 -6.81 0.49 -12.45
N GLU A 110 -7.70 0.04 -13.34
CA GLU A 110 -9.00 0.61 -13.67
C GLU A 110 -10.00 0.78 -12.53
N LEU A 111 -9.95 -0.11 -11.51
CA LEU A 111 -10.92 -0.12 -10.42
C LEU A 111 -10.59 0.85 -9.27
N GLY A 112 -9.44 1.51 -9.36
CA GLY A 112 -9.01 2.51 -8.37
C GLY A 112 -8.65 1.99 -6.99
N PRO A 113 -8.56 2.93 -6.01
CA PRO A 113 -8.19 2.57 -4.64
C PRO A 113 -9.06 1.52 -3.96
N LEU A 114 -8.40 0.56 -3.26
CA LEU A 114 -9.01 -0.58 -2.58
C LEU A 114 -10.05 -0.16 -1.53
N ASN A 115 -9.74 0.88 -0.74
CA ASN A 115 -10.64 1.33 0.32
C ASN A 115 -11.95 1.91 -0.25
N LYS A 116 -11.86 2.76 -1.31
CA LYS A 116 -12.99 3.38 -1.99
C LYS A 116 -13.87 2.32 -2.68
N TYR A 117 -13.24 1.29 -3.26
CA TYR A 117 -13.94 0.18 -3.93
C TYR A 117 -14.79 -0.65 -2.96
N LEU A 118 -14.21 -1.07 -1.84
CA LEU A 118 -14.89 -1.88 -0.82
C LEU A 118 -16.02 -1.12 -0.16
N GLN A 119 -15.91 0.24 -0.11
CA GLN A 119 -16.92 1.15 0.43
C GLN A 119 -18.14 1.14 -0.50
N GLN A 120 -17.90 1.10 -1.83
CA GLN A 120 -18.90 1.12 -2.89
C GLN A 120 -19.42 -0.28 -3.27
N ASN A 121 -18.87 -1.36 -2.67
CA ASN A 121 -19.23 -2.76 -2.97
C ASN A 121 -19.11 -3.59 -1.70
N ARG A 122 -20.08 -3.47 -0.77
CA ARG A 122 -20.04 -4.17 0.53
C ARG A 122 -20.46 -5.65 0.44
N HIS A 123 -20.91 -6.08 -0.75
CA HIS A 123 -21.34 -7.44 -1.08
C HIS A 123 -20.16 -8.33 -1.52
N VAL A 124 -18.90 -7.81 -1.51
CA VAL A 124 -17.67 -8.54 -1.85
C VAL A 124 -17.48 -9.62 -0.76
N LYS A 125 -17.35 -10.89 -1.18
CA LYS A 125 -17.21 -12.01 -0.25
C LYS A 125 -15.90 -11.98 0.52
N ASP A 126 -15.89 -12.61 1.73
CA ASP A 126 -14.76 -12.74 2.64
C ASP A 126 -13.52 -13.33 1.96
N LYS A 127 -13.71 -14.42 1.18
CA LYS A 127 -12.70 -15.12 0.40
C LYS A 127 -12.00 -14.19 -0.60
N ASN A 128 -12.76 -13.28 -1.20
CA ASN A 128 -12.25 -12.30 -2.15
C ASN A 128 -11.37 -11.27 -1.40
N ILE A 129 -11.70 -10.94 -0.13
CA ILE A 129 -10.89 -10.03 0.72
C ILE A 129 -9.58 -10.72 1.09
N ILE A 130 -9.62 -12.04 1.45
CA ILE A 130 -8.43 -12.83 1.75
C ILE A 130 -7.49 -12.88 0.51
N GLU A 131 -8.06 -13.15 -0.69
CA GLU A 131 -7.34 -13.16 -1.97
C GLU A 131 -6.59 -11.83 -2.24
N LEU A 132 -7.26 -10.71 -2.08
CA LEU A 132 -6.68 -9.39 -2.29
C LEU A 132 -5.59 -8.99 -1.25
N VAL A 133 -5.78 -9.30 0.09
CA VAL A 133 -4.79 -8.93 1.13
C VAL A 133 -3.54 -9.84 1.02
N HIS A 134 -3.73 -11.10 0.58
CA HIS A 134 -2.64 -12.05 0.34
C HIS A 134 -1.78 -11.57 -0.86
N GLN A 135 -2.39 -10.95 -1.87
CA GLN A 135 -1.67 -10.36 -3.00
C GLN A 135 -0.81 -9.21 -2.56
N VAL A 136 -1.33 -8.39 -1.62
CA VAL A 136 -0.59 -7.26 -1.01
C VAL A 136 0.63 -7.81 -0.24
N SER A 137 0.44 -8.85 0.62
CA SER A 137 1.51 -9.53 1.37
C SER A 137 2.63 -10.07 0.44
N MET A 138 2.25 -10.55 -0.79
CA MET A 138 3.15 -11.06 -1.82
C MET A 138 4.02 -9.93 -2.42
N GLY A 139 3.38 -8.82 -2.78
CA GLY A 139 4.09 -7.63 -3.25
C GLY A 139 5.01 -7.09 -2.16
N MET A 140 4.56 -7.12 -0.90
CA MET A 140 5.36 -6.66 0.27
C MET A 140 6.50 -7.60 0.63
N LYS A 141 6.31 -8.92 0.40
CA LYS A 141 7.31 -9.96 0.61
C LYS A 141 8.48 -9.68 -0.35
N TYR A 142 8.14 -9.38 -1.62
CA TYR A 142 9.10 -9.03 -2.66
C TYR A 142 9.84 -7.73 -2.30
N LEU A 143 9.10 -6.76 -1.77
CA LEU A 143 9.62 -5.45 -1.35
C LEU A 143 10.60 -5.58 -0.18
N GLU A 144 10.35 -6.52 0.75
CA GLU A 144 11.20 -6.86 1.89
C GLU A 144 12.52 -7.51 1.42
N GLU A 145 12.44 -8.51 0.49
CA GLU A 145 13.58 -9.22 -0.12
C GLU A 145 14.51 -8.24 -0.85
N SER A 146 13.92 -7.18 -1.43
CA SER A 146 14.57 -6.12 -2.19
C SER A 146 15.14 -5.02 -1.32
N ASN A 147 14.95 -5.15 0.02
CA ASN A 147 15.34 -4.22 1.08
C ASN A 147 14.87 -2.79 0.79
N PHE A 148 13.55 -2.70 0.58
CA PHE A 148 12.85 -1.46 0.33
C PHE A 148 11.77 -1.34 1.37
N VAL A 149 11.67 -0.15 1.99
CA VAL A 149 10.61 0.13 2.95
C VAL A 149 9.63 1.09 2.27
N HIS A 150 8.33 0.74 2.29
CA HIS A 150 7.25 1.50 1.64
C HIS A 150 6.92 2.79 2.39
N ARG A 151 6.77 2.66 3.74
CA ARG A 151 6.47 3.73 4.70
C ARG A 151 5.10 4.43 4.55
N ASP A 152 4.23 3.93 3.67
CA ASP A 152 2.88 4.47 3.47
C ASP A 152 1.90 3.36 3.03
N LEU A 153 2.09 2.14 3.58
CA LEU A 153 1.23 1.00 3.30
C LEU A 153 -0.11 1.22 4.01
N ALA A 154 -1.19 1.35 3.22
CA ALA A 154 -2.57 1.67 3.61
C ALA A 154 -3.49 1.27 2.43
N ALA A 155 -4.78 0.98 2.70
CA ALA A 155 -5.77 0.58 1.67
C ALA A 155 -6.01 1.66 0.59
N ARG A 156 -5.81 2.95 0.92
CA ARG A 156 -5.90 4.04 -0.03
C ARG A 156 -4.79 3.94 -1.08
N ASN A 157 -3.68 3.23 -0.75
CA ASN A 157 -2.52 3.09 -1.64
C ASN A 157 -2.45 1.73 -2.34
N VAL A 158 -3.56 0.95 -2.32
CA VAL A 158 -3.67 -0.33 -3.04
C VAL A 158 -4.65 -0.06 -4.17
N LEU A 159 -4.32 -0.50 -5.37
CA LEU A 159 -5.19 -0.30 -6.53
C LEU A 159 -5.64 -1.61 -7.08
N LEU A 160 -6.84 -1.61 -7.63
CA LEU A 160 -7.42 -2.82 -8.19
C LEU A 160 -7.42 -2.80 -9.68
N VAL A 161 -6.85 -3.87 -10.26
CA VAL A 161 -6.82 -4.11 -11.70
C VAL A 161 -8.19 -4.72 -12.02
N THR A 162 -8.55 -5.78 -11.26
CA THR A 162 -9.85 -6.44 -11.28
C THR A 162 -10.30 -6.55 -9.82
N GLN A 163 -11.48 -7.13 -9.58
CA GLN A 163 -12.02 -7.39 -8.25
C GLN A 163 -11.18 -8.50 -7.55
N HIS A 164 -10.34 -9.22 -8.32
CA HIS A 164 -9.47 -10.32 -7.87
C HIS A 164 -7.98 -10.05 -8.14
N TYR A 165 -7.61 -8.79 -8.39
CA TYR A 165 -6.23 -8.42 -8.67
C TYR A 165 -5.85 -7.05 -8.05
N ALA A 166 -5.04 -7.10 -6.95
CA ALA A 166 -4.53 -5.91 -6.23
C ALA A 166 -3.03 -5.62 -6.53
N LYS A 167 -2.67 -4.33 -6.57
CA LYS A 167 -1.32 -3.83 -6.77
C LYS A 167 -1.03 -2.70 -5.79
N ILE A 168 0.20 -2.66 -5.28
CA ILE A 168 0.62 -1.61 -4.35
C ILE A 168 1.13 -0.45 -5.19
N SER A 169 0.72 0.76 -4.83
CA SER A 169 1.16 1.97 -5.46
C SER A 169 1.73 2.94 -4.41
N ASP A 170 1.94 4.19 -4.78
CA ASP A 170 2.37 5.34 -3.95
C ASP A 170 3.68 5.11 -3.22
N PHE A 171 4.79 5.23 -3.97
CA PHE A 171 6.16 5.00 -3.49
C PHE A 171 6.94 6.29 -3.16
N GLY A 172 6.21 7.39 -2.88
CA GLY A 172 6.76 8.72 -2.58
C GLY A 172 7.45 8.90 -1.25
N LEU A 173 7.20 8.00 -0.28
CA LEU A 173 7.84 7.99 1.05
C LEU A 173 8.83 6.77 1.18
N SER A 174 8.93 5.96 0.10
CA SER A 174 9.75 4.76 -0.03
C SER A 174 11.23 5.01 -0.06
N LYS A 175 11.95 4.15 0.65
CA LYS A 175 13.38 4.22 0.86
C LYS A 175 14.06 2.89 0.59
N ALA A 176 15.17 2.98 -0.13
CA ALA A 176 16.04 1.84 -0.38
C ALA A 176 16.93 1.84 0.88
N LEU A 177 16.92 0.70 1.58
CA LEU A 177 17.71 0.52 2.77
C LEU A 177 19.18 0.43 2.39
N ARG A 178 20.03 1.03 3.23
CA ARG A 178 21.47 1.01 3.10
C ARG A 178 21.95 -0.43 3.29
N ALA A 179 23.07 -0.80 2.63
CA ALA A 179 23.65 -2.15 2.74
C ALA A 179 23.96 -2.61 4.19
N ASP A 180 24.26 -1.65 5.11
CA ASP A 180 24.64 -1.90 6.51
C ASP A 180 23.50 -1.76 7.56
N GLU A 181 22.31 -1.29 7.17
CA GLU A 181 21.20 -1.07 8.10
C GLU A 181 19.92 -1.79 7.71
N ASN A 182 19.15 -2.29 8.69
CA ASN A 182 17.85 -2.96 8.43
C ASN A 182 16.66 -1.99 8.63
N TYR A 183 16.94 -0.72 8.91
CA TYR A 183 15.94 0.31 9.09
C TYR A 183 16.36 1.63 8.41
N TYR A 184 15.37 2.51 8.18
CA TYR A 184 15.57 3.86 7.69
C TYR A 184 15.23 4.77 8.88
N LYS A 185 16.16 5.66 9.21
CA LYS A 185 15.95 6.59 10.29
C LYS A 185 15.57 7.93 9.66
N ALA A 186 14.38 8.43 10.00
CA ALA A 186 13.91 9.71 9.49
C ALA A 186 14.53 10.82 10.37
N GLN A 187 15.02 11.90 9.72
CA GLN A 187 15.63 13.02 10.44
C GLN A 187 14.53 14.07 10.66
N THR A 188 13.87 13.99 11.85
CA THR A 188 12.74 14.82 12.32
C THR A 188 11.39 14.42 11.66
N HIS A 189 10.28 14.81 12.33
CA HIS A 189 8.88 14.56 11.98
C HIS A 189 8.41 15.34 10.72
N GLY A 190 7.27 14.91 10.17
CA GLY A 190 6.65 15.52 8.99
C GLY A 190 5.17 15.22 8.88
N LYS A 191 4.63 15.23 7.65
CA LYS A 191 3.21 14.90 7.38
C LYS A 191 3.12 13.36 7.42
N TRP A 192 2.70 12.80 8.58
CA TRP A 192 2.70 11.35 8.82
C TRP A 192 1.34 10.67 9.12
N PRO A 193 1.02 9.56 8.40
CA PRO A 193 -0.23 8.81 8.71
C PRO A 193 -0.02 7.87 9.91
N VAL A 194 -0.02 8.48 11.12
CA VAL A 194 0.18 7.93 12.48
C VAL A 194 -0.68 6.69 12.81
N LYS A 195 -1.91 6.62 12.26
CA LYS A 195 -2.82 5.47 12.48
C LYS A 195 -2.35 4.19 11.79
N TRP A 196 -1.35 4.32 10.93
CA TRP A 196 -0.78 3.18 10.22
C TRP A 196 0.63 2.85 10.73
N TYR A 197 1.23 3.76 11.48
CA TYR A 197 2.61 3.64 11.94
C TYR A 197 2.80 2.80 13.19
N ALA A 198 3.88 2.01 13.17
CA ALA A 198 4.29 1.15 14.27
C ALA A 198 4.85 2.03 15.42
N PRO A 199 4.78 1.57 16.70
CA PRO A 199 5.31 2.40 17.82
C PRO A 199 6.76 2.87 17.68
N GLU A 200 7.66 2.06 17.11
CA GLU A 200 9.08 2.45 16.90
C GLU A 200 9.25 3.60 15.87
N CYS A 201 8.30 3.78 14.92
CA CYS A 201 8.27 4.84 13.90
C CYS A 201 7.99 6.14 14.65
N ILE A 202 7.11 6.08 15.65
CA ILE A 202 6.69 7.21 16.47
C ILE A 202 7.75 7.54 17.52
N ASN A 203 8.19 6.51 18.28
CA ASN A 203 9.13 6.60 19.39
C ASN A 203 10.61 6.74 19.01
N TYR A 204 11.03 6.19 17.86
CA TYR A 204 12.46 6.27 17.50
C TYR A 204 12.72 6.70 16.06
N TYR A 205 11.67 7.10 15.32
CA TYR A 205 11.73 7.47 13.88
C TYR A 205 12.35 6.37 13.00
N LYS A 206 12.19 5.09 13.40
CA LYS A 206 12.78 3.93 12.74
C LYS A 206 11.80 3.16 11.85
N PHE A 207 12.07 3.10 10.55
CA PHE A 207 11.22 2.46 9.55
C PHE A 207 11.88 1.25 8.90
N SER A 208 11.32 0.08 9.14
CA SER A 208 11.82 -1.19 8.64
C SER A 208 10.71 -1.95 7.90
N SER A 209 11.01 -3.14 7.32
CA SER A 209 9.99 -3.97 6.68
C SER A 209 8.97 -4.41 7.76
N LYS A 210 9.44 -4.63 9.02
CA LYS A 210 8.66 -4.99 10.23
C LYS A 210 7.65 -3.87 10.56
N SER A 211 8.00 -2.63 10.27
CA SER A 211 7.12 -1.51 10.52
C SER A 211 6.07 -1.38 9.40
N ASP A 212 6.42 -1.83 8.18
CA ASP A 212 5.51 -1.99 7.04
C ASP A 212 4.48 -3.11 7.34
N VAL A 213 4.91 -4.17 8.11
CA VAL A 213 4.12 -5.32 8.60
C VAL A 213 3.00 -4.77 9.51
N TRP A 214 3.36 -3.83 10.41
CA TRP A 214 2.41 -3.16 11.27
C TRP A 214 1.32 -2.45 10.44
N SER A 215 1.73 -1.65 9.42
CA SER A 215 0.81 -0.92 8.52
C SER A 215 -0.10 -1.90 7.79
N PHE A 216 0.46 -3.03 7.34
CA PHE A 216 -0.27 -4.11 6.70
C PHE A 216 -1.41 -4.67 7.56
N GLY A 217 -1.20 -4.73 8.88
CA GLY A 217 -2.20 -5.21 9.85
C GLY A 217 -3.36 -4.24 9.91
N VAL A 218 -3.06 -2.94 9.84
CA VAL A 218 -4.05 -1.84 9.76
C VAL A 218 -4.79 -1.94 8.41
N LEU A 219 -4.06 -2.18 7.33
CA LEU A 219 -4.58 -2.39 5.97
C LEU A 219 -5.56 -3.59 5.94
N MET A 220 -5.22 -4.69 6.64
CA MET A 220 -6.08 -5.89 6.76
C MET A 220 -7.39 -5.52 7.43
N TRP A 221 -7.28 -4.74 8.55
CA TRP A 221 -8.40 -4.26 9.32
C TRP A 221 -9.34 -3.43 8.40
N GLU A 222 -8.79 -2.49 7.59
CA GLU A 222 -9.55 -1.63 6.68
C GLU A 222 -10.31 -2.45 5.60
N ALA A 223 -9.66 -3.47 5.02
CA ALA A 223 -10.21 -4.30 3.98
C ALA A 223 -11.38 -5.15 4.47
N PHE A 224 -11.24 -5.73 5.68
CA PHE A 224 -12.25 -6.53 6.36
C PHE A 224 -13.38 -5.67 7.00
N SER A 225 -13.20 -4.34 7.02
CA SER A 225 -14.15 -3.33 7.49
C SER A 225 -14.68 -2.57 6.26
N TYR A 226 -14.44 -3.13 5.06
CA TYR A 226 -14.84 -2.62 3.75
C TYR A 226 -14.56 -1.10 3.54
N GLY A 227 -13.29 -0.73 3.64
CA GLY A 227 -12.82 0.62 3.44
C GLY A 227 -13.06 1.63 4.53
N GLN A 228 -13.42 1.17 5.74
CA GLN A 228 -13.62 2.05 6.90
C GLN A 228 -12.28 2.53 7.46
N LYS A 229 -12.26 3.78 7.94
CA LYS A 229 -11.07 4.37 8.52
C LYS A 229 -10.72 3.74 9.88
N PRO A 230 -9.44 3.42 10.13
CA PRO A 230 -9.07 2.83 11.44
C PRO A 230 -9.09 3.88 12.54
N TYR A 231 -9.24 3.44 13.80
CA TYR A 231 -9.27 4.28 15.01
C TYR A 231 -10.23 5.47 14.89
N ARG A 232 -11.49 5.17 14.45
CA ARG A 232 -12.60 6.10 14.24
C ARG A 232 -12.76 7.11 15.39
N GLY A 233 -12.75 8.41 15.05
CA GLY A 233 -12.92 9.52 15.98
C GLY A 233 -11.79 9.83 16.97
N MET A 234 -10.66 9.16 16.82
CA MET A 234 -9.49 9.30 17.68
C MET A 234 -8.42 10.19 17.07
N LYS A 235 -7.69 10.94 17.93
CA LYS A 235 -6.55 11.78 17.53
C LYS A 235 -5.33 10.85 17.46
N GLY A 236 -4.30 11.26 16.71
CA GLY A 236 -3.03 10.53 16.58
C GLY A 236 -2.41 10.15 17.91
N SER A 237 -2.40 11.10 18.87
CA SER A 237 -1.87 10.92 20.22
C SER A 237 -2.68 9.93 21.07
N GLU A 238 -4.03 9.94 20.93
CA GLU A 238 -4.95 9.01 21.62
C GLU A 238 -4.71 7.56 21.11
N VAL A 239 -4.37 7.41 19.82
CA VAL A 239 -4.03 6.12 19.19
C VAL A 239 -2.71 5.59 19.80
N THR A 240 -1.69 6.47 19.98
CA THR A 240 -0.40 6.13 20.61
C THR A 240 -0.65 5.65 22.06
N ALA A 241 -1.50 6.39 22.82
CA ALA A 241 -1.88 6.10 24.22
C ALA A 241 -2.56 4.74 24.37
N MET A 242 -3.48 4.42 23.43
CA MET A 242 -4.23 3.17 23.35
C MET A 242 -3.32 1.96 23.06
N LEU A 243 -2.41 2.09 22.08
CA LEU A 243 -1.48 1.03 21.67
C LEU A 243 -0.46 0.73 22.76
N GLU A 244 0.01 1.78 23.45
CA GLU A 244 0.94 1.70 24.58
C GLU A 244 0.33 0.89 25.76
N LYS A 245 -0.99 1.07 26.06
CA LYS A 245 -1.74 0.34 27.11
C LYS A 245 -1.90 -1.17 26.76
N GLY A 246 -1.75 -1.49 25.47
CA GLY A 246 -1.87 -2.85 24.94
C GLY A 246 -3.16 -3.09 24.22
N GLU A 247 -3.96 -2.02 24.04
CA GLU A 247 -5.23 -2.09 23.35
C GLU A 247 -5.06 -2.05 21.83
N ARG A 248 -5.87 -2.85 21.14
CA ARG A 248 -5.88 -3.00 19.69
C ARG A 248 -7.31 -2.88 19.17
N MET A 249 -7.46 -2.65 17.85
CA MET A 249 -8.75 -2.58 17.16
C MET A 249 -9.40 -3.96 17.26
N GLY A 250 -10.72 -3.97 17.40
CA GLY A 250 -11.52 -5.19 17.51
C GLY A 250 -11.71 -5.89 16.19
N CYS A 251 -12.30 -7.07 16.26
CA CYS A 251 -12.60 -7.87 15.07
C CYS A 251 -13.69 -7.25 14.21
N PRO A 252 -13.41 -6.92 12.92
CA PRO A 252 -14.48 -6.38 12.06
C PRO A 252 -15.57 -7.42 11.82
N ALA A 253 -16.82 -6.96 11.66
CA ALA A 253 -17.98 -7.82 11.42
C ALA A 253 -17.74 -8.74 10.21
N GLY A 254 -17.88 -10.04 10.46
CA GLY A 254 -17.71 -11.08 9.46
C GLY A 254 -16.29 -11.52 9.16
N CYS A 255 -15.29 -10.87 9.80
CA CYS A 255 -13.88 -11.19 9.59
C CYS A 255 -13.58 -12.48 10.34
N PRO A 256 -12.95 -13.49 9.67
CA PRO A 256 -12.66 -14.77 10.37
C PRO A 256 -11.65 -14.60 11.50
N ARG A 257 -11.72 -15.52 12.47
CA ARG A 257 -10.85 -15.57 13.67
C ARG A 257 -9.37 -15.51 13.26
N GLU A 258 -8.98 -16.41 12.32
CA GLU A 258 -7.63 -16.55 11.77
C GLU A 258 -7.06 -15.25 11.16
N MET A 259 -7.90 -14.45 10.49
CA MET A 259 -7.45 -13.17 9.90
C MET A 259 -7.25 -12.07 10.95
N TYR A 260 -8.06 -12.12 12.01
CA TYR A 260 -7.97 -11.18 13.12
C TYR A 260 -6.76 -11.52 14.00
N ASP A 261 -6.38 -12.80 14.01
CA ASP A 261 -5.22 -13.30 14.75
C ASP A 261 -3.93 -12.81 14.10
N LEU A 262 -3.90 -12.84 12.75
CA LEU A 262 -2.79 -12.35 11.93
C LEU A 262 -2.62 -10.82 12.08
N MET A 263 -3.74 -10.08 12.04
CA MET A 263 -3.87 -8.65 12.26
C MET A 263 -3.16 -8.26 13.59
N ASN A 264 -3.52 -8.96 14.70
CA ASN A 264 -2.96 -8.79 16.03
C ASN A 264 -1.47 -9.12 16.11
N LEU A 265 -1.03 -10.13 15.34
CA LEU A 265 0.38 -10.54 15.20
C LEU A 265 1.19 -9.44 14.50
N CYS A 266 0.65 -8.81 13.42
CA CYS A 266 1.26 -7.67 12.70
C CYS A 266 1.41 -6.50 13.68
N TRP A 267 0.49 -6.45 14.69
CA TRP A 267 0.42 -5.43 15.73
C TRP A 267 1.21 -5.81 17.02
N THR A 268 2.29 -6.60 16.86
CA THR A 268 3.20 -6.98 17.95
C THR A 268 4.03 -5.74 18.23
N TYR A 269 3.96 -5.21 19.46
CA TYR A 269 4.69 -4.00 19.87
C TYR A 269 6.21 -4.16 19.62
N ASP A 270 6.79 -5.30 20.06
CA ASP A 270 8.20 -5.65 19.89
C ASP A 270 8.53 -5.95 18.43
N VAL A 271 9.45 -5.15 17.86
CA VAL A 271 9.92 -5.24 16.47
C VAL A 271 10.57 -6.60 16.20
N GLU A 272 11.38 -7.10 17.16
CA GLU A 272 12.08 -8.38 17.07
C GLU A 272 11.14 -9.59 16.99
N ASN A 273 10.06 -9.57 17.81
CA ASN A 273 9.07 -10.65 17.88
C ASN A 273 7.92 -10.55 16.87
N ARG A 274 7.78 -9.38 16.21
CA ARG A 274 6.79 -9.13 15.16
C ARG A 274 7.22 -9.92 13.92
N PRO A 275 6.31 -10.59 13.20
CA PRO A 275 6.75 -11.34 12.01
C PRO A 275 7.12 -10.44 10.80
N GLY A 276 7.95 -11.00 9.92
CA GLY A 276 8.33 -10.40 8.65
C GLY A 276 7.32 -10.84 7.59
N PHE A 277 7.32 -10.20 6.40
CA PHE A 277 6.37 -10.49 5.32
C PHE A 277 6.45 -11.92 4.78
N ALA A 278 7.61 -12.58 4.85
CA ALA A 278 7.77 -13.97 4.41
C ALA A 278 6.86 -14.91 5.25
N ALA A 279 6.76 -14.67 6.57
CA ALA A 279 5.89 -15.42 7.49
C ALA A 279 4.42 -14.95 7.40
N VAL A 280 4.17 -13.63 7.18
CA VAL A 280 2.80 -13.08 7.07
C VAL A 280 2.13 -13.59 5.77
N GLU A 281 2.88 -13.58 4.66
CA GLU A 281 2.44 -14.08 3.34
C GLU A 281 2.15 -15.58 3.43
N LEU A 282 2.99 -16.37 4.14
CA LEU A 282 2.79 -17.83 4.27
C LEU A 282 1.49 -18.17 5.02
N ARG A 283 1.18 -17.42 6.12
CA ARG A 283 -0.06 -17.61 6.87
C ARG A 283 -1.31 -17.30 6.03
N LEU A 284 -1.24 -16.23 5.23
CA LEU A 284 -2.29 -15.81 4.31
C LEU A 284 -2.49 -16.78 3.16
N ARG A 285 -1.38 -17.24 2.55
CA ARG A 285 -1.34 -18.20 1.45
C ARG A 285 -2.04 -19.50 1.84
N ASN A 286 -1.69 -20.06 3.02
CA ASN A 286 -2.27 -21.30 3.54
C ASN A 286 -3.73 -21.09 3.89
N TYR A 287 -4.06 -19.94 4.51
CA TYR A 287 -5.45 -19.65 4.86
C TYR A 287 -6.35 -19.51 3.64
N TYR A 288 -5.84 -18.82 2.58
CA TYR A 288 -6.57 -18.66 1.33
C TYR A 288 -6.91 -20.03 0.69
N TYR A 289 -5.89 -20.91 0.54
CA TYR A 289 -6.09 -22.26 -0.01
C TYR A 289 -7.04 -23.10 0.85
N ASP A 290 -7.08 -22.84 2.18
CA ASP A 290 -7.97 -23.53 3.12
C ASP A 290 -9.44 -23.11 2.92
N VAL A 291 -9.65 -21.82 2.62
CA VAL A 291 -10.97 -21.25 2.34
C VAL A 291 -11.44 -21.70 0.94
N VAL A 292 -10.50 -21.74 -0.05
CA VAL A 292 -10.68 -22.18 -1.44
C VAL A 292 -11.13 -23.65 -1.48
N ASN A 293 -10.52 -24.51 -0.63
CA ASN A 293 -10.83 -25.94 -0.50
C ASN A 293 -12.24 -26.09 0.08
N HIS A 294 -12.53 -25.37 1.19
CA HIS A 294 -13.82 -25.37 1.88
C HIS A 294 -14.97 -24.91 0.97
N HIS A 295 -14.69 -23.95 0.05
CA HIS A 295 -15.63 -23.40 -0.92
C HIS A 295 -16.29 -24.47 -1.81
N HIS A 296 -15.48 -25.34 -2.44
CA HIS A 296 -15.96 -26.45 -3.28
C HIS A 296 -15.68 -27.81 -2.65
C1 QFK B . -10.04 6.66 -9.04
C2 QFK B . -8.10 7.17 -8.21
C3 QFK B . -7.85 6.22 -9.20
N6 QFK B . -1.06 5.77 -8.37
C7 QFK B . -6.72 5.57 -9.73
C8 QFK B . -4.44 3.95 -11.04
C9 QFK B . -2.34 3.17 -11.43
C10 QFK B . -1.81 4.05 -10.52
C11 QFK B . -2.72 4.90 -9.89
C12 QFK B . -3.18 6.47 -8.03
C13 QFK B . -2.41 7.06 -7.06
C14 QFK B . -1.10 6.58 -7.32
C15 QFK B . -2.86 7.97 -5.94
C16 QFK B . -3.31 8.18 -3.58
C19 QFK B . -6.89 9.28 -5.33
O QFK B . -5.96 7.56 -7.30
C18 QFK B . -7.17 7.81 -7.25
N8 QFK B . -7.70 8.63 -6.36
N QFK B . -9.46 7.39 -8.11
C6 QFK B . -6.85 4.66 -10.75
C5 QFK B . -8.15 4.40 -11.28
C4 QFK B . -9.24 5.01 -10.78
N1 QFK B . -9.11 5.90 -9.72
C QFK B . -11.50 6.62 -9.33
N2 QFK B . -5.79 3.94 -11.34
N4 QFK B . -4.04 4.85 -10.14
N3 QFK B . -3.65 3.08 -11.71
N5 QFK B . -2.36 5.71 -8.79
N7 QFK B . -2.98 7.25 -4.66
C17 QFK B . -3.99 6.19 -4.72
#